data_3N18
#
_entry.id   3N18
#
_cell.length_a   48.683
_cell.length_b   75.073
_cell.length_c   79.410
_cell.angle_alpha   90.00
_cell.angle_beta   90.00
_cell.angle_gamma   90.00
#
_symmetry.space_group_name_H-M   'P 21 21 21'
#
loop_
_entity.id
_entity.type
_entity.pdbx_description
1 polymer 'Chitinase A'
2 branched 2-acetamido-2-deoxy-beta-D-glucopyranose-(1-4)-2-acetamido-2-deoxy-beta-D-glucopyranose-(1-4)-2-acetamido-2-deoxy-beta-D-glucopyranose-(1-4)-2-acetamido-2-deoxy-beta-D-glucopyranose
3 water water
#
_entity_poly.entity_id   1
_entity_poly.type   'polypeptide(L)'
_entity_poly.pdbx_seq_one_letter_code
;ANNLGSKLLVGYWHNFDNGTGIIKLKDVSPKWDVINVSFGETGGDRSTVEFSPVYGTDADFKSDISYLKSKGKKVVLSIG
GQNGVVLLPDNAAKDRFINSIQSLIDKYGFDGIDIDLGSGIYLNGNDTNFKNPTTPQIVNLISAIRTISDHYGPDFLLSM
APETAYVQGGYSAYGSIWGAYLPIIYGVKDKLTYIHVQHFNAGSGIGMDGNNYNQGTADYEVAMADMLLHGFPVGGNANN
IFPALRSDQVMIGLPAAPAAAPSGGYISPTEMKKALNYIIKGVPFGGKYKLSNQSGYPAFRGLMSWSINWDAKNNFEFSN
NYRTYFDGLSLQK
;
_entity_poly.pdbx_strand_id   A
#
# COMPACT_ATOMS: atom_id res chain seq x y z
N ASN A 3 -18.27 6.34 -6.03
CA ASN A 3 -17.16 7.22 -5.58
C ASN A 3 -15.82 6.81 -6.19
N LEU A 4 -15.19 5.80 -5.57
CA LEU A 4 -13.91 5.30 -6.06
C LEU A 4 -14.08 4.38 -7.27
N GLY A 5 -13.27 4.62 -8.30
CA GLY A 5 -13.32 3.81 -9.51
C GLY A 5 -12.89 2.38 -9.28
N SER A 6 -13.13 1.53 -10.28
CA SER A 6 -12.82 0.10 -10.16
C SER A 6 -11.42 -0.24 -10.66
N LYS A 7 -10.79 0.71 -11.35
CA LYS A 7 -9.41 0.55 -11.79
C LYS A 7 -8.65 1.83 -11.46
N LEU A 8 -7.82 1.77 -10.44
CA LEU A 8 -7.22 2.96 -9.84
C LEU A 8 -5.73 3.10 -10.08
N LEU A 9 -5.28 4.36 -10.14
CA LEU A 9 -3.87 4.68 -10.01
C LEU A 9 -3.71 5.46 -8.72
N VAL A 10 -2.93 4.91 -7.79
CA VAL A 10 -2.68 5.53 -6.51
C VAL A 10 -1.23 5.99 -6.49
N GLY A 11 -1.01 7.27 -6.22
CA GLY A 11 0.35 7.80 -6.25
C GLY A 11 0.76 8.49 -4.96
N TYR A 12 1.99 8.24 -4.53
CA TYR A 12 2.54 8.90 -3.35
C TYR A 12 3.05 10.30 -3.72
N TRP A 13 2.76 11.26 -2.84
CA TRP A 13 3.12 12.64 -3.07
C TRP A 13 4.11 13.10 -2.01
N HIS A 14 5.28 13.60 -2.45
CA HIS A 14 6.34 13.99 -1.53
C HIS A 14 6.01 15.27 -0.78
N ASN A 15 5.83 15.17 0.52
CA ASN A 15 5.75 16.37 1.35
C ASN A 15 7.15 16.79 1.77
N PHE A 16 8.06 16.78 0.81
CA PHE A 16 9.48 17.04 1.06
C PHE A 16 10.21 17.06 -0.27
N ASP A 17 11.41 17.64 -0.28
CA ASP A 17 12.22 17.70 -1.49
C ASP A 17 13.41 16.75 -1.37
N ASN A 18 13.37 15.66 -2.13
CA ASN A 18 14.46 14.68 -2.12
C ASN A 18 15.29 14.72 -3.39
N GLY A 19 15.18 15.81 -4.14
CA GLY A 19 15.92 15.96 -5.38
C GLY A 19 15.02 15.90 -6.60
N THR A 20 13.82 15.38 -6.43
CA THR A 20 12.84 15.32 -7.51
C THR A 20 11.97 16.57 -7.50
N GLY A 21 12.17 17.40 -6.49
CA GLY A 21 11.46 18.67 -6.42
C GLY A 21 10.06 18.60 -5.83
N ILE A 22 9.46 19.76 -5.64
CA ILE A 22 8.11 19.85 -5.08
C ILE A 22 7.08 20.06 -6.18
N ILE A 23 5.99 19.29 -6.12
CA ILE A 23 4.86 19.50 -6.99
C ILE A 23 3.69 20.02 -6.15
N LYS A 24 3.23 21.22 -6.46
CA LYS A 24 2.06 21.76 -5.77
C LYS A 24 0.86 20.88 -6.06
N LEU A 25 0.01 20.68 -5.06
CA LEU A 25 -1.12 19.76 -5.22
C LEU A 25 -1.94 20.02 -6.48
N LYS A 26 -2.18 21.28 -6.81
CA LYS A 26 -2.99 21.60 -7.97
C LYS A 26 -2.29 21.29 -9.29
N ASP A 27 -0.99 21.01 -9.23
CA ASP A 27 -0.23 20.68 -10.43
C ASP A 27 -0.05 19.18 -10.58
N VAL A 28 -0.60 18.42 -9.63
CA VAL A 28 -0.56 16.96 -9.72
C VAL A 28 -1.41 16.47 -10.88
N SER A 29 -0.84 15.59 -11.70
CA SER A 29 -1.54 15.05 -12.85
C SER A 29 -2.90 14.49 -12.47
N PRO A 30 -3.93 14.82 -13.26
CA PRO A 30 -5.28 14.32 -13.00
C PRO A 30 -5.41 12.80 -13.19
N LYS A 31 -4.41 12.17 -13.81
CA LYS A 31 -4.43 10.73 -14.01
C LYS A 31 -4.43 9.94 -12.70
N TRP A 32 -3.91 10.54 -11.64
CA TRP A 32 -3.91 9.90 -10.34
C TRP A 32 -5.29 9.99 -9.71
N ASP A 33 -5.84 8.85 -9.28
CA ASP A 33 -7.15 8.83 -8.64
C ASP A 33 -7.05 9.10 -7.15
N VAL A 34 -5.94 8.67 -6.55
CA VAL A 34 -5.72 8.86 -5.12
C VAL A 34 -4.31 9.38 -4.90
N ILE A 35 -4.19 10.35 -4.00
CA ILE A 35 -2.90 10.95 -3.68
C ILE A 35 -2.55 10.65 -2.23
N ASN A 36 -1.47 9.91 -2.03
CA ASN A 36 -1.00 9.57 -0.69
C ASN A 36 0.05 10.58 -0.22
N VAL A 37 -0.38 11.52 0.62
CA VAL A 37 0.50 12.56 1.13
C VAL A 37 1.53 11.96 2.09
N SER A 38 2.81 12.19 1.80
CA SER A 38 3.90 11.47 2.45
C SER A 38 4.88 12.41 3.14
N PHE A 39 5.03 12.33 4.47
CA PHE A 39 4.35 11.35 5.33
C PHE A 39 3.94 12.04 6.62
N GLY A 40 3.04 11.43 7.36
CA GLY A 40 2.82 11.81 8.75
C GLY A 40 3.96 11.18 9.53
N GLU A 41 4.61 11.95 10.39
CA GLU A 41 5.75 11.42 11.12
C GLU A 41 5.71 11.71 12.61
N THR A 42 6.51 10.95 13.38
CA THR A 42 6.48 11.03 14.82
C THR A 42 7.78 11.61 15.38
N GLY A 43 7.69 12.15 16.59
CA GLY A 43 8.86 12.66 17.29
C GLY A 43 9.26 11.73 18.43
N GLY A 44 9.88 12.30 19.46
CA GLY A 44 10.38 11.53 20.60
C GLY A 44 9.53 10.35 21.02
N ASP A 45 8.24 10.59 21.24
CA ASP A 45 7.36 9.56 21.81
C ASP A 45 6.94 8.47 20.81
N ARG A 46 7.40 8.60 19.56
CA ARG A 46 7.10 7.62 18.49
C ARG A 46 5.64 7.17 18.45
N SER A 47 4.73 8.04 18.89
CA SER A 47 3.33 7.66 18.99
C SER A 47 2.39 8.78 18.55
N THR A 48 2.84 10.02 18.72
CA THR A 48 2.08 11.17 18.28
C THR A 48 2.49 11.53 16.88
N VAL A 49 1.56 11.44 15.93
CA VAL A 49 1.86 11.75 14.54
C VAL A 49 1.64 13.23 14.26
N GLU A 50 2.63 13.84 13.61
CA GLU A 50 2.56 15.26 13.28
C GLU A 50 2.62 15.42 11.77
N PHE A 51 2.13 16.54 11.28
CA PHE A 51 2.21 16.84 9.85
C PHE A 51 2.11 18.32 9.60
N SER A 52 3.06 18.85 8.83
CA SER A 52 3.01 20.23 8.41
C SER A 52 3.30 20.29 6.92
N PRO A 53 2.44 20.96 6.15
CA PRO A 53 2.61 20.99 4.69
C PRO A 53 3.96 21.59 4.30
N VAL A 54 4.56 21.03 3.26
CA VAL A 54 5.88 21.46 2.80
C VAL A 54 5.81 22.83 2.14
N TYR A 55 4.61 23.23 1.72
CA TYR A 55 4.40 24.57 1.17
C TYR A 55 3.09 25.15 1.67
N GLY A 56 3.01 26.47 1.74
CA GLY A 56 1.79 27.17 2.09
C GLY A 56 1.43 27.15 3.58
N THR A 57 0.42 27.92 3.94
CA THR A 57 -0.10 27.90 5.29
C THR A 57 -0.97 26.67 5.43
N ASP A 58 -1.32 26.33 6.67
CA ASP A 58 -2.22 25.19 6.93
C ASP A 58 -3.52 25.38 6.16
N ALA A 59 -4.05 26.60 6.18
CA ALA A 59 -5.27 26.90 5.44
C ALA A 59 -5.10 26.70 3.93
N ASP A 60 -3.96 27.14 3.39
CA ASP A 60 -3.69 26.98 1.96
C ASP A 60 -3.74 25.52 1.58
N PHE A 61 -3.06 24.69 2.36
CA PHE A 61 -2.93 23.27 2.06
C PHE A 61 -4.30 22.60 2.13
N LYS A 62 -5.04 22.91 3.18
CA LYS A 62 -6.38 22.37 3.32
C LYS A 62 -7.22 22.75 2.10
N SER A 63 -7.02 23.97 1.63
CA SER A 63 -7.75 24.48 0.47
C SER A 63 -7.42 23.71 -0.80
N ASP A 64 -6.15 23.40 -1.00
CA ASP A 64 -5.71 22.64 -2.17
C ASP A 64 -6.28 21.22 -2.13
N ILE A 65 -6.34 20.64 -0.94
CA ILE A 65 -6.92 19.32 -0.77
C ILE A 65 -8.40 19.36 -1.12
N SER A 66 -9.10 20.38 -0.60
CA SER A 66 -10.52 20.54 -0.89
C SER A 66 -10.73 20.64 -2.40
N TYR A 67 -9.80 21.32 -3.08
CA TYR A 67 -9.87 21.46 -4.52
C TYR A 67 -9.77 20.10 -5.20
N LEU A 68 -8.75 19.32 -4.83
CA LEU A 68 -8.57 18.00 -5.40
C LEU A 68 -9.82 17.16 -5.15
N LYS A 69 -10.35 17.25 -3.94
CA LYS A 69 -11.53 16.46 -3.58
C LYS A 69 -12.74 16.86 -4.44
N SER A 70 -12.82 18.13 -4.79
CA SER A 70 -13.91 18.61 -5.63
C SER A 70 -13.81 18.05 -7.05
N LYS A 71 -12.60 17.66 -7.45
CA LYS A 71 -12.38 17.07 -8.77
C LYS A 71 -12.56 15.55 -8.76
N GLY A 72 -13.06 15.02 -7.65
CA GLY A 72 -13.30 13.59 -7.53
C GLY A 72 -12.12 12.79 -7.01
N LYS A 73 -11.00 13.47 -6.79
CA LYS A 73 -9.79 12.81 -6.29
C LYS A 73 -9.85 12.55 -4.79
N LYS A 74 -9.11 11.54 -4.34
CA LYS A 74 -9.01 11.26 -2.90
C LYS A 74 -7.64 11.67 -2.41
N VAL A 75 -7.58 12.33 -1.26
CA VAL A 75 -6.31 12.71 -0.67
C VAL A 75 -6.13 12.00 0.68
N VAL A 76 -5.11 11.15 0.74
CA VAL A 76 -4.92 10.26 1.88
C VAL A 76 -3.63 10.62 2.61
N LEU A 77 -3.65 10.51 3.94
CA LEU A 77 -2.46 10.75 4.73
C LEU A 77 -1.69 9.44 4.96
N SER A 78 -0.47 9.36 4.45
CA SER A 78 0.33 8.17 4.62
C SER A 78 1.21 8.27 5.87
N ILE A 79 1.13 7.23 6.69
CA ILE A 79 1.90 7.15 7.93
C ILE A 79 3.10 6.23 7.74
N GLY A 80 4.29 6.80 7.93
CA GLY A 80 5.54 6.11 7.66
C GLY A 80 6.60 7.15 7.31
N GLY A 81 7.48 6.86 6.36
CA GLY A 81 7.65 5.54 5.77
C GLY A 81 9.08 5.23 6.15
N GLN A 82 9.97 5.18 5.15
CA GLN A 82 11.40 4.95 5.39
C GLN A 82 11.93 5.66 6.65
N ASN A 83 11.53 6.91 6.84
CA ASN A 83 12.00 7.69 7.98
C ASN A 83 10.90 7.99 8.98
N GLY A 84 9.87 7.14 8.98
CA GLY A 84 8.78 7.25 9.95
C GLY A 84 8.71 6.02 10.82
N VAL A 85 8.32 6.21 12.07
CA VAL A 85 8.23 5.09 12.99
C VAL A 85 7.12 5.30 14.01
N VAL A 86 6.23 4.32 14.12
CA VAL A 86 5.16 4.36 15.12
C VAL A 86 5.32 3.16 16.04
N LEU A 87 5.39 3.42 17.34
CA LEU A 87 5.53 2.36 18.32
C LEU A 87 4.39 2.43 19.33
N LEU A 88 3.57 1.38 19.38
CA LEU A 88 2.43 1.33 20.27
C LEU A 88 2.56 0.17 21.27
N PRO A 89 3.50 0.30 22.23
CA PRO A 89 3.74 -0.78 23.18
C PRO A 89 2.61 -0.94 24.18
N ASP A 90 1.80 0.10 24.37
CA ASP A 90 0.71 0.04 25.33
C ASP A 90 -0.47 0.94 24.96
N ASN A 91 -1.53 0.88 25.75
CA ASN A 91 -2.74 1.62 25.45
C ASN A 91 -2.53 3.13 25.45
N ALA A 92 -1.64 3.61 26.30
CA ALA A 92 -1.35 5.04 26.36
C ALA A 92 -0.79 5.53 25.02
N ALA A 93 0.12 4.76 24.46
CA ALA A 93 0.70 5.08 23.16
C ALA A 93 -0.36 4.99 22.09
N LYS A 94 -1.17 3.94 22.14
CA LYS A 94 -2.23 3.76 21.16
C LYS A 94 -3.17 4.96 21.13
N ASP A 95 -3.51 5.47 22.31
CA ASP A 95 -4.42 6.60 22.41
C ASP A 95 -3.83 7.87 21.81
N ARG A 96 -2.54 8.12 22.07
CA ARG A 96 -1.88 9.28 21.50
C ARG A 96 -1.86 9.19 19.98
N PHE A 97 -1.65 7.98 19.46
CA PHE A 97 -1.66 7.73 18.03
C PHE A 97 -3.03 8.02 17.44
N ILE A 98 -4.07 7.43 18.02
CA ILE A 98 -5.44 7.64 17.53
C ILE A 98 -5.82 9.12 17.54
N ASN A 99 -5.59 9.79 18.66
CA ASN A 99 -5.95 11.19 18.80
C ASN A 99 -5.22 12.09 17.81
N SER A 100 -3.91 11.87 17.68
CA SER A 100 -3.09 12.68 16.77
C SER A 100 -3.55 12.51 15.33
N ILE A 101 -3.82 11.28 14.92
CA ILE A 101 -4.27 11.01 13.57
C ILE A 101 -5.62 11.68 13.29
N GLN A 102 -6.56 11.49 14.20
CA GLN A 102 -7.89 12.06 14.03
C GLN A 102 -7.81 13.58 13.93
N SER A 103 -6.96 14.17 14.75
CA SER A 103 -6.76 15.62 14.71
C SER A 103 -6.34 16.05 13.32
N LEU A 104 -5.36 15.35 12.76
CA LEU A 104 -4.82 15.70 11.45
C LEU A 104 -5.88 15.54 10.36
N ILE A 105 -6.62 14.44 10.41
CA ILE A 105 -7.65 14.19 9.41
C ILE A 105 -8.66 15.33 9.41
N ASP A 106 -9.10 15.71 10.61
CA ASP A 106 -10.04 16.82 10.73
C ASP A 106 -9.41 18.12 10.24
N LYS A 107 -8.19 18.39 10.69
CA LYS A 107 -7.55 19.66 10.39
C LYS A 107 -7.40 19.93 8.89
N TYR A 108 -7.04 18.90 8.14
CA TYR A 108 -6.77 19.08 6.70
C TYR A 108 -7.82 18.48 5.77
N GLY A 109 -8.71 17.66 6.33
CA GLY A 109 -9.79 17.08 5.54
C GLY A 109 -9.38 15.87 4.71
N PHE A 110 -8.39 15.13 5.21
CA PHE A 110 -7.95 13.92 4.52
C PHE A 110 -9.12 12.95 4.34
N ASP A 111 -9.10 12.20 3.23
CA ASP A 111 -10.15 11.23 2.92
C ASP A 111 -9.93 9.90 3.64
N GLY A 112 -8.75 9.72 4.23
CA GLY A 112 -8.42 8.47 4.90
C GLY A 112 -6.95 8.40 5.23
N ILE A 113 -6.48 7.19 5.56
CA ILE A 113 -5.08 7.00 5.92
C ILE A 113 -4.47 5.82 5.19
N ASP A 114 -3.15 5.88 5.02
CA ASP A 114 -2.40 4.81 4.39
C ASP A 114 -1.34 4.35 5.39
N ILE A 115 -1.32 3.04 5.65
CA ILE A 115 -0.35 2.49 6.60
C ILE A 115 0.90 2.04 5.85
N ASP A 116 1.99 2.79 6.04
CA ASP A 116 3.23 2.55 5.30
C ASP A 116 4.39 2.42 6.28
N LEU A 117 4.22 1.56 7.27
CA LEU A 117 5.23 1.35 8.30
C LEU A 117 6.14 0.18 7.95
N GLY A 118 7.44 0.46 7.88
CA GLY A 118 8.44 -0.53 7.49
C GLY A 118 9.48 -0.80 8.55
N SER A 119 9.13 -0.52 9.80
CA SER A 119 10.00 -0.81 10.93
C SER A 119 9.18 -0.79 12.21
N GLY A 120 9.69 -1.44 13.25
CA GLY A 120 9.00 -1.50 14.52
C GLY A 120 7.85 -2.51 14.55
N ILE A 121 7.70 -3.26 13.47
CA ILE A 121 6.65 -4.26 13.37
C ILE A 121 7.22 -5.67 13.30
N TYR A 122 6.97 -6.43 14.37
CA TYR A 122 7.53 -7.76 14.50
C TYR A 122 6.49 -8.68 15.13
N LEU A 123 6.46 -9.93 14.73
CA LEU A 123 5.70 -10.94 15.46
C LEU A 123 6.57 -11.47 16.59
N ASN A 124 6.13 -11.27 17.82
CA ASN A 124 6.84 -11.79 18.99
C ASN A 124 6.81 -13.31 19.04
N GLY A 125 7.70 -13.90 19.83
CA GLY A 125 7.64 -15.32 20.07
C GLY A 125 6.25 -15.66 20.54
N ASN A 126 5.75 -16.83 20.14
CA ASN A 126 4.43 -17.34 20.54
C ASN A 126 3.26 -16.69 19.82
N ASP A 127 3.54 -15.64 19.05
CA ASP A 127 2.49 -15.00 18.26
C ASP A 127 2.35 -15.75 16.94
N THR A 128 1.51 -16.77 16.94
CA THR A 128 1.49 -17.77 15.87
C THR A 128 0.21 -17.79 15.04
N ASN A 129 -0.83 -17.08 15.50
CA ASN A 129 -2.12 -17.12 14.84
C ASN A 129 -2.51 -15.77 14.25
N PHE A 130 -2.57 -15.69 12.92
CA PHE A 130 -2.83 -14.40 12.28
C PHE A 130 -4.25 -13.88 12.53
N LYS A 131 -5.15 -14.76 12.94
CA LYS A 131 -6.51 -14.34 13.29
C LYS A 131 -6.61 -13.79 14.71
N ASN A 132 -5.61 -14.08 15.53
CA ASN A 132 -5.61 -13.66 16.93
C ASN A 132 -4.21 -13.27 17.39
N PRO A 133 -3.71 -12.13 16.90
CA PRO A 133 -2.37 -11.67 17.24
C PRO A 133 -2.21 -11.39 18.73
N THR A 134 -0.98 -11.47 19.22
CA THR A 134 -0.70 -11.27 20.64
C THR A 134 0.35 -10.18 20.87
N THR A 135 1.05 -9.81 19.81
CA THR A 135 2.09 -8.78 19.92
C THR A 135 1.45 -7.40 20.07
N PRO A 136 1.80 -6.68 21.15
CA PRO A 136 1.17 -5.38 21.42
C PRO A 136 1.15 -4.44 20.22
N GLN A 137 2.31 -4.25 19.58
CA GLN A 137 2.39 -3.38 18.41
C GLN A 137 1.28 -3.72 17.41
N ILE A 138 1.14 -5.00 17.10
CA ILE A 138 0.19 -5.46 16.09
C ILE A 138 -1.24 -5.34 16.58
N VAL A 139 -1.48 -5.81 17.80
CA VAL A 139 -2.82 -5.73 18.39
C VAL A 139 -3.27 -4.27 18.47
N ASN A 140 -2.39 -3.40 18.92
CA ASN A 140 -2.72 -1.99 19.09
C ASN A 140 -2.90 -1.26 17.77
N LEU A 141 -2.09 -1.60 16.77
CA LEU A 141 -2.25 -1.01 15.45
C LEU A 141 -3.62 -1.36 14.88
N ILE A 142 -3.98 -2.64 14.96
CA ILE A 142 -5.28 -3.08 14.48
C ILE A 142 -6.38 -2.31 15.21
N SER A 143 -6.27 -2.23 16.53
CA SER A 143 -7.27 -1.53 17.32
C SER A 143 -7.38 -0.06 16.92
N ALA A 144 -6.23 0.61 16.81
CA ALA A 144 -6.22 2.02 16.45
C ALA A 144 -6.83 2.26 15.07
N ILE A 145 -6.49 1.41 14.11
CA ILE A 145 -7.01 1.56 12.75
C ILE A 145 -8.52 1.39 12.76
N ARG A 146 -9.01 0.39 13.47
CA ARG A 146 -10.44 0.16 13.56
C ARG A 146 -11.14 1.34 14.23
N THR A 147 -10.53 1.88 15.28
CA THR A 147 -11.10 3.01 16.01
C THR A 147 -11.20 4.24 15.11
N ILE A 148 -10.08 4.59 14.47
CA ILE A 148 -10.07 5.72 13.54
C ILE A 148 -11.10 5.54 12.42
N SER A 149 -11.10 4.37 11.80
CA SER A 149 -12.04 4.08 10.73
C SER A 149 -13.49 4.30 11.20
N ASP A 150 -13.81 3.78 12.38
CA ASP A 150 -15.16 3.87 12.91
C ASP A 150 -15.56 5.32 13.22
N HIS A 151 -14.57 6.18 13.38
CA HIS A 151 -14.82 7.57 13.74
C HIS A 151 -15.21 8.44 12.55
N TYR A 152 -15.13 7.89 11.35
CA TYR A 152 -15.46 8.63 10.13
C TYR A 152 -16.52 7.93 9.28
N GLY A 153 -17.03 8.64 8.29
CA GLY A 153 -18.13 8.14 7.46
C GLY A 153 -17.77 6.99 6.53
N PRO A 154 -18.75 6.57 5.72
CA PRO A 154 -18.64 5.43 4.80
C PRO A 154 -17.54 5.59 3.75
N ASP A 155 -17.16 6.84 3.46
CA ASP A 155 -16.19 7.09 2.40
C ASP A 155 -14.76 7.16 2.89
N PHE A 156 -14.54 6.81 4.16
CA PHE A 156 -13.20 6.78 4.72
C PHE A 156 -12.35 5.76 3.98
N LEU A 157 -11.18 6.19 3.52
CA LEU A 157 -10.30 5.32 2.75
C LEU A 157 -9.20 4.77 3.62
N LEU A 158 -9.03 3.45 3.61
CA LEU A 158 -7.96 2.79 4.34
C LEU A 158 -7.13 1.94 3.37
N SER A 159 -5.85 2.24 3.28
CA SER A 159 -4.93 1.47 2.47
C SER A 159 -3.68 1.14 3.26
N MET A 160 -2.84 0.26 2.72
CA MET A 160 -1.55 -0.02 3.34
C MET A 160 -0.54 -0.48 2.31
N ALA A 161 0.73 -0.20 2.57
CA ALA A 161 1.79 -0.51 1.62
C ALA A 161 2.96 -1.24 2.26
N PRO A 162 2.70 -2.42 2.83
CA PRO A 162 3.79 -3.18 3.44
C PRO A 162 4.76 -3.72 2.40
N GLU A 163 5.99 -3.99 2.83
CA GLU A 163 6.94 -4.69 1.98
C GLU A 163 6.58 -6.17 1.92
N THR A 164 7.08 -6.86 0.91
CA THR A 164 6.65 -8.25 0.65
C THR A 164 6.93 -9.22 1.80
N ALA A 165 8.05 -9.05 2.48
CA ALA A 165 8.39 -9.95 3.59
C ALA A 165 7.26 -10.02 4.62
N TYR A 166 6.58 -8.90 4.82
CA TYR A 166 5.52 -8.79 5.81
C TYR A 166 4.22 -9.47 5.38
N VAL A 167 4.11 -9.77 4.09
CA VAL A 167 2.87 -10.32 3.56
C VAL A 167 3.12 -11.65 2.88
N GLN A 168 3.55 -11.61 1.62
CA GLN A 168 3.87 -12.82 0.87
C GLN A 168 4.97 -13.63 1.56
N GLY A 169 5.86 -12.93 2.26
CA GLY A 169 6.92 -13.58 3.03
C GLY A 169 6.36 -14.56 4.05
N GLY A 170 5.09 -14.38 4.41
CA GLY A 170 4.41 -15.28 5.33
C GLY A 170 4.34 -16.70 4.82
N TYR A 171 4.53 -16.86 3.51
CA TYR A 171 4.54 -18.19 2.90
C TYR A 171 5.74 -18.99 3.41
N SER A 172 6.84 -18.30 3.68
CA SER A 172 8.07 -18.95 4.10
C SER A 172 8.18 -19.08 5.62
N ALA A 173 7.81 -18.02 6.33
CA ALA A 173 7.93 -18.01 7.79
C ALA A 173 6.87 -17.13 8.41
N TYR A 174 6.48 -17.46 9.63
CA TYR A 174 5.57 -16.63 10.40
C TYR A 174 6.20 -16.28 11.75
N GLY A 175 6.84 -15.12 11.81
CA GLY A 175 7.58 -14.70 12.99
C GLY A 175 8.50 -13.56 12.62
N SER A 176 8.86 -12.74 13.60
CA SER A 176 9.62 -11.52 13.33
C SER A 176 8.85 -10.72 12.27
N ILE A 177 9.55 -10.18 11.27
CA ILE A 177 8.87 -9.43 10.23
C ILE A 177 8.11 -10.33 9.26
N TRP A 178 8.46 -11.61 9.21
CA TRP A 178 7.89 -12.52 8.24
C TRP A 178 6.43 -12.83 8.50
N GLY A 179 5.56 -12.33 7.62
CA GLY A 179 4.12 -12.50 7.75
C GLY A 179 3.49 -11.51 8.71
N ALA A 180 4.28 -10.55 9.21
CA ALA A 180 3.82 -9.67 10.29
C ALA A 180 2.62 -8.78 9.97
N TYR A 181 2.41 -8.46 8.70
CA TYR A 181 1.25 -7.66 8.31
C TYR A 181 0.00 -8.51 8.13
N LEU A 182 0.15 -9.82 8.05
CA LEU A 182 -1.00 -10.68 7.84
C LEU A 182 -2.08 -10.50 8.91
N PRO A 183 -1.68 -10.49 10.21
CA PRO A 183 -2.71 -10.24 11.21
C PRO A 183 -3.31 -8.85 11.10
N ILE A 184 -2.52 -7.88 10.64
CA ILE A 184 -3.03 -6.53 10.47
C ILE A 184 -4.08 -6.51 9.36
N ILE A 185 -3.73 -7.07 8.22
CA ILE A 185 -4.66 -7.18 7.09
C ILE A 185 -5.93 -7.90 7.51
N TYR A 186 -5.79 -9.09 8.07
CA TYR A 186 -6.94 -9.86 8.49
C TYR A 186 -7.78 -9.10 9.50
N GLY A 187 -7.11 -8.39 10.41
CA GLY A 187 -7.79 -7.69 11.50
C GLY A 187 -8.61 -6.49 11.07
N VAL A 188 -8.34 -5.97 9.88
CA VAL A 188 -9.03 -4.79 9.37
C VAL A 188 -9.64 -5.00 7.98
N LYS A 189 -9.70 -6.26 7.55
CA LYS A 189 -10.13 -6.61 6.20
C LYS A 189 -11.49 -6.03 5.85
N ASP A 190 -12.36 -5.88 6.84
CA ASP A 190 -13.70 -5.37 6.61
C ASP A 190 -13.72 -3.85 6.45
N LYS A 191 -12.58 -3.23 6.71
CA LYS A 191 -12.46 -1.77 6.57
C LYS A 191 -11.40 -1.38 5.54
N LEU A 192 -10.68 -2.39 5.05
CA LEU A 192 -9.60 -2.16 4.09
C LEU A 192 -10.15 -1.86 2.69
N THR A 193 -9.83 -0.67 2.18
CA THR A 193 -10.24 -0.31 0.83
C THR A 193 -9.40 -1.09 -0.17
N TYR A 194 -8.09 -1.05 0.02
CA TYR A 194 -7.19 -1.84 -0.81
C TYR A 194 -5.80 -1.87 -0.19
N ILE A 195 -5.04 -2.90 -0.55
CA ILE A 195 -3.65 -3.01 -0.15
C ILE A 195 -2.76 -3.00 -1.39
N HIS A 196 -1.70 -2.19 -1.35
CA HIS A 196 -0.72 -2.19 -2.42
C HIS A 196 0.67 -2.50 -1.89
N VAL A 197 1.00 -3.79 -1.83
CA VAL A 197 2.32 -4.23 -1.39
C VAL A 197 3.40 -3.62 -2.29
N GLN A 198 4.54 -3.26 -1.70
CA GLN A 198 5.65 -2.71 -2.45
C GLN A 198 6.40 -3.82 -3.18
N HIS A 199 6.10 -3.97 -4.48
CA HIS A 199 6.77 -4.97 -5.31
C HIS A 199 8.12 -4.43 -5.78
N PHE A 200 8.89 -3.87 -4.86
CA PHE A 200 10.19 -3.30 -5.24
C PHE A 200 11.13 -3.21 -4.05
N ASN A 201 12.41 -3.00 -4.34
CA ASN A 201 13.46 -3.10 -3.32
C ASN A 201 13.27 -4.40 -2.53
N ALA A 202 12.91 -5.47 -3.25
CA ALA A 202 12.46 -6.71 -2.62
C ALA A 202 13.30 -7.93 -2.97
N GLY A 203 14.20 -7.80 -3.94
CA GLY A 203 15.04 -8.91 -4.35
C GLY A 203 14.28 -10.00 -5.08
N SER A 204 13.91 -11.05 -4.35
CA SER A 204 13.17 -12.15 -4.94
C SER A 204 12.03 -12.55 -4.02
N GLY A 205 11.06 -13.28 -4.56
CA GLY A 205 9.90 -13.71 -3.79
C GLY A 205 9.45 -15.09 -4.18
N ILE A 206 8.99 -15.86 -3.19
CA ILE A 206 8.51 -17.21 -3.44
C ILE A 206 6.99 -17.22 -3.63
N GLY A 207 6.56 -17.74 -4.77
CA GLY A 207 5.14 -17.83 -5.07
C GLY A 207 4.49 -19.03 -4.41
N MET A 208 3.17 -19.12 -4.54
CA MET A 208 2.41 -20.23 -3.94
C MET A 208 2.76 -21.57 -4.59
N ASP A 209 3.52 -21.51 -5.67
CA ASP A 209 3.99 -22.72 -6.35
C ASP A 209 5.34 -23.18 -5.82
N GLY A 210 5.84 -22.48 -4.80
CA GLY A 210 7.11 -22.83 -4.19
C GLY A 210 8.32 -22.42 -5.02
N ASN A 211 8.07 -21.69 -6.11
CA ASN A 211 9.14 -21.25 -6.98
C ASN A 211 9.60 -19.83 -6.66
N ASN A 212 10.87 -19.55 -6.88
CA ASN A 212 11.43 -18.24 -6.59
C ASN A 212 11.39 -17.36 -7.83
N TYR A 213 10.93 -16.13 -7.65
CA TYR A 213 10.84 -15.18 -8.77
C TYR A 213 11.61 -13.90 -8.45
N ASN A 214 12.17 -13.28 -9.48
CA ASN A 214 12.95 -12.06 -9.33
C ASN A 214 12.08 -10.81 -9.49
N GLN A 215 12.25 -9.84 -8.61
CA GLN A 215 11.50 -8.60 -8.71
C GLN A 215 11.74 -7.95 -10.06
N GLY A 216 10.78 -7.15 -10.51
CA GLY A 216 10.92 -6.43 -11.78
C GLY A 216 10.64 -7.27 -13.00
N THR A 217 10.04 -8.44 -12.80
CA THR A 217 9.66 -9.31 -13.92
C THR A 217 8.16 -9.59 -13.90
N ALA A 218 7.58 -9.80 -15.07
CA ALA A 218 6.15 -10.05 -15.16
C ALA A 218 5.71 -11.23 -14.31
N ASP A 219 6.46 -12.32 -14.35
CA ASP A 219 6.16 -13.50 -13.53
C ASP A 219 6.06 -13.13 -12.06
N TYR A 220 7.04 -12.37 -11.58
CA TYR A 220 7.09 -11.96 -10.18
C TYR A 220 5.83 -11.17 -9.79
N GLU A 221 5.43 -10.24 -10.64
CA GLU A 221 4.26 -9.42 -10.35
C GLU A 221 3.02 -10.28 -10.19
N VAL A 222 2.83 -11.23 -11.12
CA VAL A 222 1.67 -12.11 -11.07
C VAL A 222 1.72 -13.01 -9.84
N ALA A 223 2.88 -13.60 -9.57
CA ALA A 223 3.03 -14.52 -8.45
C ALA A 223 2.70 -13.83 -7.13
N MET A 224 3.24 -12.64 -6.94
CA MET A 224 3.05 -11.94 -5.67
C MET A 224 1.61 -11.49 -5.48
N ALA A 225 0.99 -10.97 -6.55
CA ALA A 225 -0.39 -10.53 -6.47
C ALA A 225 -1.34 -11.70 -6.26
N ASP A 226 -1.06 -12.82 -6.93
CA ASP A 226 -1.92 -13.99 -6.87
C ASP A 226 -2.10 -14.49 -5.44
N MET A 227 -1.05 -14.35 -4.62
CA MET A 227 -1.14 -14.82 -3.25
C MET A 227 -2.24 -14.10 -2.46
N LEU A 228 -2.46 -12.82 -2.77
CA LEU A 228 -3.53 -12.07 -2.12
C LEU A 228 -4.88 -12.30 -2.79
N LEU A 229 -4.86 -12.58 -4.09
CA LEU A 229 -6.08 -12.82 -4.84
C LEU A 229 -6.66 -14.20 -4.52
N HIS A 230 -5.78 -15.12 -4.17
CA HIS A 230 -6.17 -16.52 -3.99
C HIS A 230 -6.05 -17.01 -2.55
N GLY A 231 -5.18 -16.38 -1.78
CA GLY A 231 -4.86 -16.86 -0.44
C GLY A 231 -3.72 -17.88 -0.54
N PHE A 232 -3.14 -18.23 0.60
CA PHE A 232 -1.99 -19.12 0.61
C PHE A 232 -1.74 -19.71 2.00
N PRO A 233 -1.09 -20.88 2.06
CA PRO A 233 -0.74 -21.48 3.34
C PRO A 233 0.39 -20.71 4.00
N VAL A 234 0.30 -20.53 5.32
CA VAL A 234 1.26 -19.72 6.06
C VAL A 234 2.34 -20.54 6.76
N GLY A 235 3.59 -20.14 6.59
CA GLY A 235 4.71 -20.72 7.33
C GLY A 235 4.91 -22.20 7.12
N GLY A 236 4.55 -22.70 5.94
CA GLY A 236 4.73 -24.10 5.60
C GLY A 236 3.68 -25.00 6.22
N ASN A 237 2.66 -24.39 6.81
CA ASN A 237 1.59 -25.15 7.44
C ASN A 237 0.34 -25.20 6.55
N ALA A 238 0.11 -26.36 5.94
CA ALA A 238 -1.01 -26.54 5.03
C ALA A 238 -2.37 -26.31 5.69
N ASN A 239 -2.41 -26.41 7.01
CA ASN A 239 -3.67 -26.24 7.75
C ASN A 239 -3.86 -24.81 8.24
N ASN A 240 -2.97 -23.92 7.81
CA ASN A 240 -3.02 -22.52 8.20
C ASN A 240 -3.10 -21.63 6.96
N ILE A 241 -4.29 -21.56 6.37
CA ILE A 241 -4.48 -20.84 5.12
C ILE A 241 -4.92 -19.39 5.33
N PHE A 242 -4.15 -18.46 4.80
CA PHE A 242 -4.55 -17.06 4.79
C PHE A 242 -5.56 -16.86 3.67
N PRO A 243 -6.75 -16.37 4.02
CA PRO A 243 -7.83 -16.30 3.05
C PRO A 243 -7.61 -15.22 1.99
N ALA A 244 -8.14 -15.46 0.79
CA ALA A 244 -8.09 -14.47 -0.27
C ALA A 244 -8.80 -13.18 0.16
N LEU A 245 -8.26 -12.05 -0.27
CA LEU A 245 -8.95 -10.78 -0.16
C LEU A 245 -9.91 -10.66 -1.33
N ARG A 246 -10.85 -9.73 -1.26
CA ARG A 246 -11.64 -9.39 -2.43
C ARG A 246 -10.68 -8.94 -3.52
N SER A 247 -10.97 -9.30 -4.76
CA SER A 247 -10.12 -8.85 -5.85
C SER A 247 -10.02 -7.33 -5.88
N ASP A 248 -11.12 -6.65 -5.55
CA ASP A 248 -11.13 -5.19 -5.56
C ASP A 248 -10.35 -4.57 -4.40
N GLN A 249 -9.75 -5.42 -3.56
CA GLN A 249 -8.91 -4.95 -2.47
C GLN A 249 -7.44 -5.12 -2.80
N VAL A 250 -7.16 -5.68 -3.97
CA VAL A 250 -5.78 -6.00 -4.34
C VAL A 250 -5.22 -5.07 -5.42
N MET A 251 -4.12 -4.39 -5.08
CA MET A 251 -3.38 -3.58 -6.03
C MET A 251 -1.92 -4.04 -6.00
N ILE A 252 -1.12 -3.49 -6.92
CA ILE A 252 0.31 -3.76 -6.93
C ILE A 252 1.06 -2.43 -6.86
N GLY A 253 2.05 -2.36 -5.97
CA GLY A 253 2.86 -1.14 -5.83
C GLY A 253 4.14 -1.21 -6.63
N LEU A 254 4.38 -0.21 -7.46
CA LEU A 254 5.53 -0.20 -8.36
C LEU A 254 6.30 1.12 -8.32
N PRO A 255 7.61 1.07 -8.64
CA PRO A 255 8.38 2.30 -8.79
C PRO A 255 8.01 2.98 -10.10
N ALA A 256 7.86 4.30 -10.06
CA ALA A 256 7.48 5.06 -11.27
C ALA A 256 8.63 5.11 -12.26
N ALA A 257 9.85 4.94 -11.76
CA ALA A 257 11.05 5.03 -12.58
C ALA A 257 12.11 4.13 -11.96
N PRO A 258 13.12 3.74 -12.75
CA PRO A 258 14.20 2.93 -12.19
C PRO A 258 14.79 3.53 -10.92
N ALA A 259 15.02 4.84 -10.92
CA ALA A 259 15.66 5.51 -9.79
C ALA A 259 14.74 5.62 -8.57
N ALA A 260 13.45 5.38 -8.76
CA ALA A 260 12.51 5.47 -7.66
C ALA A 260 12.66 4.29 -6.70
N ALA A 261 13.32 3.25 -7.18
CA ALA A 261 13.62 2.07 -6.35
C ALA A 261 15.08 1.67 -6.58
N PRO A 262 16.00 2.33 -5.87
CA PRO A 262 17.44 2.17 -6.10
C PRO A 262 17.96 0.75 -5.94
N SER A 263 17.20 -0.13 -5.29
CA SER A 263 17.63 -1.50 -5.09
C SER A 263 16.96 -2.46 -6.06
N GLY A 264 16.31 -1.91 -7.08
CA GLY A 264 15.65 -2.70 -8.10
C GLY A 264 14.16 -2.79 -7.89
N GLY A 265 13.45 -3.30 -8.89
CA GLY A 265 12.00 -3.46 -8.80
C GLY A 265 11.24 -2.86 -9.96
N TYR A 266 11.80 -1.82 -10.56
CA TYR A 266 11.16 -1.18 -11.70
C TYR A 266 10.89 -2.21 -12.79
N ILE A 267 9.71 -2.13 -13.40
CA ILE A 267 9.36 -2.98 -14.54
C ILE A 267 8.83 -2.10 -15.66
N SER A 268 9.23 -2.40 -16.90
CA SER A 268 8.78 -1.60 -18.02
C SER A 268 7.28 -1.78 -18.20
N PRO A 269 6.58 -0.69 -18.57
CA PRO A 269 5.14 -0.82 -18.83
C PRO A 269 4.81 -1.95 -19.79
N THR A 270 5.64 -2.15 -20.82
CA THR A 270 5.39 -3.23 -21.77
C THR A 270 5.33 -4.59 -21.08
N GLU A 271 6.28 -4.85 -20.19
CA GLU A 271 6.28 -6.11 -19.45
C GLU A 271 5.16 -6.15 -18.43
N MET A 272 4.91 -5.03 -17.76
CA MET A 272 3.87 -4.99 -16.74
C MET A 272 2.49 -5.24 -17.34
N LYS A 273 2.27 -4.76 -18.57
CA LYS A 273 0.99 -4.96 -19.22
C LYS A 273 0.71 -6.44 -19.46
N LYS A 274 1.77 -7.21 -19.72
CA LYS A 274 1.63 -8.65 -19.85
C LYS A 274 1.10 -9.23 -18.54
N ALA A 275 1.71 -8.80 -17.43
CA ALA A 275 1.28 -9.25 -16.11
C ALA A 275 -0.16 -8.85 -15.84
N LEU A 276 -0.50 -7.61 -16.15
CA LEU A 276 -1.85 -7.10 -15.93
C LEU A 276 -2.88 -7.88 -16.76
N ASN A 277 -2.57 -8.13 -18.02
CA ASN A 277 -3.50 -8.88 -18.86
C ASN A 277 -3.71 -10.29 -18.32
N TYR A 278 -2.69 -10.85 -17.71
CA TYR A 278 -2.80 -12.19 -17.14
C TYR A 278 -3.63 -12.15 -15.86
N ILE A 279 -3.26 -11.25 -14.94
CA ILE A 279 -3.99 -11.12 -13.69
C ILE A 279 -5.46 -10.80 -13.91
N ILE A 280 -5.72 -9.82 -14.77
CA ILE A 280 -7.07 -9.28 -14.93
C ILE A 280 -7.95 -10.10 -15.88
N LYS A 281 -7.38 -10.48 -17.03
CA LYS A 281 -8.16 -11.15 -18.08
C LYS A 281 -7.84 -12.64 -18.20
N GLY A 282 -6.83 -13.10 -17.48
CA GLY A 282 -6.44 -14.51 -17.59
C GLY A 282 -5.77 -14.83 -18.91
N VAL A 283 -5.12 -13.84 -19.52
CA VAL A 283 -4.38 -14.04 -20.76
C VAL A 283 -2.89 -14.23 -20.47
N PRO A 284 -2.37 -15.45 -20.68
CA PRO A 284 -0.97 -15.70 -20.38
C PRO A 284 -0.02 -15.05 -21.38
N PHE A 285 1.26 -15.01 -21.04
CA PHE A 285 2.26 -14.35 -21.87
C PHE A 285 3.51 -15.22 -22.06
N GLY A 286 3.39 -16.51 -21.78
CA GLY A 286 4.51 -17.43 -21.92
C GLY A 286 5.43 -17.47 -20.72
N GLY A 287 4.95 -16.94 -19.60
CA GLY A 287 5.73 -16.93 -18.37
C GLY A 287 5.74 -18.28 -17.68
N LYS A 288 6.54 -18.38 -16.62
CA LYS A 288 6.66 -19.65 -15.90
C LYS A 288 5.55 -19.83 -14.88
N TYR A 289 5.05 -18.72 -14.33
CA TYR A 289 4.05 -18.79 -13.28
C TYR A 289 2.65 -19.04 -13.84
N LYS A 290 1.93 -19.98 -13.23
CA LYS A 290 0.55 -20.29 -13.62
C LYS A 290 -0.46 -19.70 -12.63
N LEU A 291 -1.30 -18.80 -13.13
CA LEU A 291 -2.28 -18.12 -12.30
C LEU A 291 -3.27 -19.10 -11.65
N SER A 292 -3.58 -18.85 -10.38
CA SER A 292 -4.50 -19.69 -9.62
C SER A 292 -5.86 -19.81 -10.30
N ASN A 293 -6.34 -18.69 -10.84
CA ASN A 293 -7.62 -18.67 -11.55
C ASN A 293 -7.38 -18.59 -13.05
N GLN A 294 -7.65 -19.70 -13.74
CA GLN A 294 -7.46 -19.80 -15.19
C GLN A 294 -7.95 -18.59 -15.99
N SER A 295 -9.11 -18.07 -15.62
CA SER A 295 -9.75 -17.01 -16.40
C SER A 295 -9.58 -15.62 -15.80
N GLY A 296 -8.71 -15.49 -14.80
CA GLY A 296 -8.33 -14.17 -14.27
C GLY A 296 -9.16 -13.62 -13.14
N TYR A 297 -8.72 -12.47 -12.62
CA TYR A 297 -9.41 -11.75 -11.55
C TYR A 297 -9.80 -10.36 -12.04
N PRO A 298 -10.91 -10.28 -12.79
CA PRO A 298 -11.27 -9.02 -13.45
C PRO A 298 -11.44 -7.84 -12.50
N ALA A 299 -11.73 -8.11 -11.23
CA ALA A 299 -12.00 -7.03 -10.28
C ALA A 299 -10.73 -6.49 -9.62
N PHE A 300 -9.58 -7.01 -10.03
CA PHE A 300 -8.29 -6.48 -9.58
C PHE A 300 -8.34 -4.95 -9.60
N ARG A 301 -7.84 -4.32 -8.54
CA ARG A 301 -8.13 -2.90 -8.29
C ARG A 301 -7.25 -1.87 -9.00
N GLY A 302 -6.00 -2.21 -9.28
CA GLY A 302 -5.13 -1.29 -10.02
C GLY A 302 -3.70 -1.21 -9.53
N LEU A 303 -3.05 -0.08 -9.78
CA LEU A 303 -1.64 0.09 -9.47
C LEU A 303 -1.36 1.28 -8.56
N MET A 304 -0.42 1.08 -7.64
CA MET A 304 0.11 2.14 -6.80
C MET A 304 1.53 2.43 -7.28
N SER A 305 2.00 3.67 -7.07
CA SER A 305 3.38 3.97 -7.44
C SER A 305 4.09 4.90 -6.46
N TRP A 306 5.35 4.56 -6.20
CA TRP A 306 6.28 5.52 -5.64
C TRP A 306 7.06 6.04 -6.85
N SER A 307 6.81 7.27 -7.28
CA SER A 307 5.85 8.18 -6.67
C SER A 307 5.34 9.16 -7.72
N ILE A 308 4.41 10.04 -7.33
CA ILE A 308 3.95 11.09 -8.22
C ILE A 308 5.13 11.96 -8.66
N ASN A 309 5.98 12.33 -7.71
CA ASN A 309 7.15 13.15 -8.01
C ASN A 309 8.15 12.48 -8.95
N TRP A 310 8.43 11.20 -8.72
CA TRP A 310 9.31 10.45 -9.62
C TRP A 310 8.69 10.30 -11.00
N ASP A 311 7.38 10.07 -11.04
CA ASP A 311 6.68 9.94 -12.31
C ASP A 311 6.86 11.20 -13.15
N ALA A 312 6.67 12.35 -12.54
CA ALA A 312 6.79 13.62 -13.24
C ALA A 312 8.20 13.84 -13.76
N LYS A 313 9.18 13.27 -13.06
CA LYS A 313 10.59 13.40 -13.43
C LYS A 313 10.96 12.41 -14.53
N ASN A 314 10.08 11.45 -14.79
CA ASN A 314 10.36 10.39 -15.76
C ASN A 314 9.42 10.43 -16.96
N ASN A 315 9.12 11.61 -17.46
CA ASN A 315 8.29 11.75 -18.65
C ASN A 315 6.87 11.23 -18.45
N PHE A 316 6.41 11.23 -17.19
CA PHE A 316 5.07 10.73 -16.86
C PHE A 316 4.82 9.32 -17.42
N GLU A 317 5.88 8.52 -17.49
CA GLU A 317 5.78 7.20 -18.08
C GLU A 317 4.74 6.33 -17.39
N PHE A 318 4.78 6.30 -16.06
CA PHE A 318 3.89 5.45 -15.29
C PHE A 318 2.43 5.87 -15.45
N SER A 319 2.15 7.14 -15.19
CA SER A 319 0.78 7.62 -15.23
C SER A 319 0.15 7.52 -16.63
N ASN A 320 0.89 7.94 -17.65
CA ASN A 320 0.37 7.88 -19.01
C ASN A 320 0.14 6.45 -19.49
N ASN A 321 1.14 5.59 -19.32
CA ASN A 321 1.01 4.21 -19.76
C ASN A 321 -0.13 3.47 -19.09
N TYR A 322 -0.21 3.56 -17.77
CA TYR A 322 -1.19 2.74 -17.06
C TYR A 322 -2.58 3.36 -17.05
N ARG A 323 -2.67 4.68 -17.10
CA ARG A 323 -3.99 5.30 -17.20
C ARG A 323 -4.64 4.88 -18.50
N THR A 324 -3.89 4.94 -19.59
CA THR A 324 -4.40 4.54 -20.90
C THR A 324 -4.78 3.06 -20.91
N TYR A 325 -3.95 2.24 -20.27
CA TYR A 325 -4.24 0.81 -20.19
C TYR A 325 -5.57 0.55 -19.49
N PHE A 326 -5.75 1.14 -18.30
CA PHE A 326 -6.96 0.92 -17.52
C PHE A 326 -8.20 1.55 -18.16
N ASP A 327 -8.02 2.70 -18.80
CA ASP A 327 -9.12 3.36 -19.50
C ASP A 327 -9.59 2.50 -20.65
N GLY A 328 -8.64 1.80 -21.27
CA GLY A 328 -8.92 0.97 -22.43
C GLY A 328 -9.70 -0.29 -22.11
N LEU A 329 -9.76 -0.64 -20.83
CA LEU A 329 -10.48 -1.83 -20.40
C LEU A 329 -11.99 -1.62 -20.54
#